data_3R6O
#
_entry.id   3R6O
#
_cell.length_a   90.680
_cell.length_b   90.680
_cell.length_c   76.130
_cell.angle_alpha   90.00
_cell.angle_beta   90.00
_cell.angle_gamma   90.00
#
_symmetry.space_group_name_H-M   'I 41'
#
loop_
_entity.id
_entity.type
_entity.pdbx_description
1 polymer '2-hydroxyhepta-2,4-diene-1, 7-dioateisomerase'
2 non-polymer 'MAGNESIUM ION'
3 non-polymer 'CHLORIDE ION'
4 water water
#
_entity_poly.entity_id   1
_entity_poly.type   'polypeptide(L)'
_entity_poly.pdbx_seq_one_letter_code
;MAHHHHHHMGTLEAQTQGPGSMNLRIVSFAGADQWQPGVLIDDDTVAPLAPMLARHDIQVSSARELIALLPQISPLISDE
LAGGSFEPVPLDSVALGAPIPEPGQVIALGFNYPTHSDTDSPLPKMADPVVFMKSPTSISGPRDAVIAPRTSHALDYEIE
IAVVIGKPGYRIERSQAIKHVAGYMLANDITARDVALPFGFGGSPLQAQVVRGKGYPTFCPTGPWLFTTGSDTTFETFDF
ELRINGELRQSGSTVDMTLGFAEVVETVSATIALRAGDIILTGTPGGCGFQFDPPRYLRPGDVIEAHSAKLGKMRLPVHD
EKPIESASR
;
_entity_poly.pdbx_strand_id   A
#
loop_
_chem_comp.id
_chem_comp.type
_chem_comp.name
_chem_comp.formula
CL non-polymer 'CHLORIDE ION' 'Cl -1'
MG non-polymer 'MAGNESIUM ION' 'Mg 2'
#
# COMPACT_ATOMS: atom_id res chain seq x y z
N MET A 22 18.71 11.16 -1.14
CA MET A 22 17.59 11.68 -1.98
C MET A 22 16.27 10.89 -1.83
N ASN A 23 16.34 9.59 -1.57
CA ASN A 23 15.12 8.81 -1.26
C ASN A 23 14.68 9.10 0.17
N LEU A 24 13.75 10.04 0.30
CA LEU A 24 13.20 10.40 1.60
C LEU A 24 12.17 9.39 2.05
N ARG A 25 11.98 9.29 3.35
CA ARG A 25 10.93 8.48 3.94
C ARG A 25 9.96 9.36 4.69
N ILE A 26 8.79 9.59 4.10
CA ILE A 26 7.82 10.56 4.62
C ILE A 26 6.67 9.85 5.35
N VAL A 27 6.41 10.26 6.60
CA VAL A 27 5.34 9.70 7.43
C VAL A 27 4.23 10.71 7.70
N SER A 28 3.16 10.24 8.34
CA SER A 28 2.08 11.09 8.83
C SER A 28 1.83 10.77 10.30
N PHE A 29 1.89 11.81 11.15
CA PHE A 29 1.67 11.65 12.59
C PHE A 29 0.19 11.53 12.91
N ALA A 30 -0.24 10.33 13.34
CA ALA A 30 -1.66 10.02 13.53
C ALA A 30 -2.22 10.63 14.82
N TRP A 35 -3.44 17.25 10.12
CA TRP A 35 -2.45 16.45 9.41
C TRP A 35 -1.06 16.98 9.69
N GLN A 36 -0.11 16.10 9.96
CA GLN A 36 1.26 16.55 10.17
C GLN A 36 2.26 15.58 9.53
N PRO A 37 3.00 16.03 8.51
CA PRO A 37 4.03 15.25 7.84
C PRO A 37 5.30 15.11 8.68
N GLY A 38 6.02 14.01 8.47
CA GLY A 38 7.35 13.87 9.08
C GLY A 38 8.27 13.25 8.07
N VAL A 39 9.58 13.36 8.32
CA VAL A 39 10.58 12.62 7.56
C VAL A 39 11.37 11.79 8.55
N LEU A 40 11.88 10.64 8.09
CA LEU A 40 12.82 9.84 8.88
C LEU A 40 14.23 10.45 8.91
N ILE A 41 14.67 10.80 10.11
CA ILE A 41 16.01 11.29 10.35
C ILE A 41 16.99 10.13 10.17
N ASP A 42 16.72 9.02 10.82
CA ASP A 42 17.45 7.77 10.61
C ASP A 42 16.41 6.66 10.62
N ASP A 43 16.83 5.39 10.59
CA ASP A 43 15.89 4.26 10.61
C ASP A 43 15.20 4.04 11.96
N ASP A 44 15.56 4.81 12.97
CA ASP A 44 15.00 4.69 14.33
C ASP A 44 14.35 6.00 14.84
N THR A 45 14.49 7.07 14.06
CA THR A 45 14.12 8.41 14.53
C THR A 45 13.52 9.24 13.40
N VAL A 46 12.54 10.07 13.76
CA VAL A 46 11.82 10.88 12.81
C VAL A 46 11.72 12.31 13.30
N ALA A 47 11.44 13.25 12.41
CA ALA A 47 11.24 14.64 12.79
C ALA A 47 10.10 15.29 12.02
N PRO A 48 9.39 16.25 12.66
CA PRO A 48 8.35 17.01 11.95
C PRO A 48 8.96 17.85 10.82
N LEU A 49 8.13 18.14 9.81
CA LEU A 49 8.61 18.65 8.52
C LEU A 49 8.05 20.04 8.16
N ALA A 50 6.78 20.29 8.49
CA ALA A 50 6.12 21.60 8.29
C ALA A 50 6.96 22.80 8.71
N PRO A 51 7.50 22.77 9.95
CA PRO A 51 8.32 23.90 10.38
C PRO A 51 9.52 24.13 9.46
N MET A 52 10.20 23.05 9.09
CA MET A 52 11.34 23.13 8.18
C MET A 52 10.87 23.28 6.74
N SER A 62 -1.55 19.48 3.24
CA SER A 62 -2.15 18.36 2.52
C SER A 62 -1.07 17.37 2.08
N ALA A 63 -1.36 16.07 2.17
CA ALA A 63 -0.43 15.03 1.71
C ALA A 63 -0.31 15.06 0.19
N ARG A 64 -1.46 14.96 -0.48
CA ARG A 64 -1.59 15.15 -1.93
C ARG A 64 -0.91 16.43 -2.42
N GLU A 65 -0.99 17.50 -1.62
CA GLU A 65 -0.39 18.79 -1.99
C GLU A 65 1.13 18.88 -1.75
N LEU A 66 1.62 18.14 -0.76
CA LEU A 66 3.06 17.94 -0.56
C LEU A 66 3.64 16.94 -1.58
N ILE A 67 2.85 15.93 -1.99
CA ILE A 67 3.30 15.03 -3.07
C ILE A 67 3.66 15.82 -4.33
N ALA A 68 2.77 16.74 -4.71
CA ALA A 68 2.88 17.48 -5.96
C ALA A 68 4.04 18.49 -5.96
N LEU A 69 4.59 18.78 -4.78
CA LEU A 69 5.71 19.72 -4.62
C LEU A 69 7.03 19.07 -4.20
N LEU A 70 7.05 17.74 -4.04
CA LEU A 70 8.26 17.00 -3.61
C LEU A 70 9.52 17.13 -4.48
N PRO A 71 9.38 17.20 -5.82
CA PRO A 71 10.63 17.12 -6.60
C PRO A 71 11.53 18.35 -6.45
N GLN A 72 10.95 19.51 -6.14
CA GLN A 72 11.71 20.76 -6.01
C GLN A 72 12.22 20.98 -4.58
N ILE A 73 11.44 20.54 -3.59
CA ILE A 73 11.82 20.67 -2.19
C ILE A 73 12.59 19.43 -1.71
N SER A 74 12.71 18.41 -2.55
CA SER A 74 13.39 17.17 -2.15
C SER A 74 14.85 17.48 -1.80
N PRO A 75 15.57 18.21 -2.67
CA PRO A 75 16.93 18.64 -2.34
C PRO A 75 16.95 19.64 -1.20
N LEU A 76 15.94 20.49 -1.12
CA LEU A 76 15.82 21.44 -0.02
C LEU A 76 15.76 20.65 1.29
N ILE A 77 14.75 19.79 1.41
CA ILE A 77 14.57 18.94 2.60
C ILE A 77 15.77 18.05 2.87
N SER A 78 16.36 17.47 1.81
CA SER A 78 17.45 16.51 1.96
C SER A 78 18.77 17.16 2.36
N ASP A 79 19.13 18.28 1.71
CA ASP A 79 20.32 19.05 2.11
C ASP A 79 20.10 19.66 3.49
N GLU A 80 18.88 20.18 3.72
CA GLU A 80 18.52 20.77 5.02
C GLU A 80 18.18 19.72 6.06
N LEU A 81 18.74 18.52 5.92
CA LEU A 81 18.51 17.44 6.88
C LEU A 81 19.38 17.68 8.12
N VAL A 89 11.22 12.21 19.17
CA VAL A 89 12.20 11.94 18.13
C VAL A 89 12.23 10.47 17.69
N PRO A 90 12.02 9.51 18.64
CA PRO A 90 11.96 8.10 18.26
C PRO A 90 10.69 7.64 17.55
N LEU A 91 10.87 6.68 16.64
CA LEU A 91 9.82 6.14 15.78
C LEU A 91 8.86 5.21 16.54
N ASP A 92 9.40 4.51 17.54
CA ASP A 92 8.59 3.66 18.43
C ASP A 92 7.65 4.44 19.38
N SER A 93 7.88 5.76 19.52
CA SER A 93 7.15 6.60 20.49
C SER A 93 6.05 7.51 19.91
N VAL A 94 5.96 7.62 18.58
CA VAL A 94 4.89 8.41 17.96
C VAL A 94 3.95 7.53 17.18
N ALA A 95 2.68 7.93 17.16
CA ALA A 95 1.67 7.24 16.40
C ALA A 95 1.78 7.58 14.87
N LEU A 96 1.85 6.57 13.99
CA LEU A 96 2.01 6.81 12.55
C LEU A 96 0.75 6.44 11.78
N GLY A 97 0.31 7.33 10.90
CA GLY A 97 -0.88 7.13 10.13
C GLY A 97 -0.58 6.61 8.73
N ALA A 98 -1.65 6.45 7.96
CA ALA A 98 -1.57 6.23 6.54
C ALA A 98 -0.78 7.42 5.93
N PRO A 99 0.30 7.14 5.21
CA PRO A 99 1.09 8.29 4.68
C PRO A 99 0.33 9.20 3.71
N ILE A 100 -0.55 8.61 2.88
CA ILE A 100 -1.49 9.35 2.03
C ILE A 100 -2.89 9.09 2.57
N PRO A 101 -3.40 10.00 3.41
CA PRO A 101 -4.62 9.64 4.11
C PRO A 101 -5.88 9.75 3.27
N GLU A 102 -5.84 10.53 2.19
CA GLU A 102 -7.06 10.82 1.41
C GLU A 102 -6.73 10.81 -0.06
N PRO A 103 -6.28 9.64 -0.59
CA PRO A 103 -6.00 9.52 -2.01
C PRO A 103 -7.29 9.70 -2.80
N GLY A 104 -7.19 10.27 -3.99
CA GLY A 104 -8.37 10.48 -4.83
C GLY A 104 -9.04 9.18 -5.26
N GLN A 105 -8.21 8.17 -5.53
CA GLN A 105 -8.71 6.84 -5.83
C GLN A 105 -7.66 5.83 -5.48
N VAL A 106 -8.13 4.62 -5.19
CA VAL A 106 -7.22 3.52 -4.85
C VAL A 106 -7.47 2.35 -5.79
N ILE A 107 -6.50 2.13 -6.65
CA ILE A 107 -6.54 1.07 -7.64
C ILE A 107 -5.76 -0.12 -7.09
N ALA A 108 -6.29 -1.32 -7.27
CA ALA A 108 -5.58 -2.55 -6.87
C ALA A 108 -5.57 -3.53 -8.03
N LEU A 109 -4.41 -4.18 -8.23
CA LEU A 109 -4.28 -5.17 -9.28
C LEU A 109 -4.43 -6.60 -8.74
N GLY A 110 -5.31 -7.37 -9.37
CA GLY A 110 -5.35 -8.82 -9.20
C GLY A 110 -4.54 -9.54 -10.23
N PHE A 111 -4.03 -10.72 -9.85
CA PHE A 111 -3.32 -11.60 -10.76
C PHE A 111 -2.11 -10.97 -11.42
N ASN A 112 -1.31 -10.23 -10.64
CA ASN A 112 -0.08 -9.67 -11.18
C ASN A 112 1.19 -10.40 -10.73
N TYR A 113 0.99 -11.54 -10.08
CA TYR A 113 2.05 -12.45 -9.75
C TYR A 113 1.59 -13.83 -10.24
N PRO A 114 2.51 -14.69 -10.65
CA PRO A 114 2.18 -16.08 -11.05
C PRO A 114 1.66 -17.00 -9.95
N THR A 115 2.14 -16.83 -8.72
CA THR A 115 1.76 -17.68 -7.60
C THR A 115 0.45 -17.23 -6.97
N HIS A 116 -0.02 -16.05 -7.42
CA HIS A 116 -1.38 -15.61 -7.15
C HIS A 116 -2.14 -15.36 -8.47
N ASP A 128 -5.20 -9.75 -18.79
CA ASP A 128 -4.33 -10.51 -17.86
C ASP A 128 -4.51 -10.05 -16.40
N PRO A 129 -3.63 -9.16 -15.86
CA PRO A 129 -4.05 -8.64 -14.53
C PRO A 129 -5.42 -7.89 -14.58
N VAL A 130 -6.17 -7.94 -13.47
CA VAL A 130 -7.50 -7.38 -13.36
C VAL A 130 -7.43 -6.11 -12.53
N VAL A 131 -8.05 -5.06 -13.02
CA VAL A 131 -8.07 -3.85 -12.30
C VAL A 131 -9.27 -3.78 -11.36
N PHE A 132 -8.95 -3.65 -10.06
CA PHE A 132 -9.95 -3.47 -9.00
C PHE A 132 -9.83 -2.08 -8.46
N MET A 133 -10.88 -1.66 -7.73
CA MET A 133 -10.86 -0.41 -7.02
C MET A 133 -11.27 -0.64 -5.56
N LYS A 134 -10.47 -0.10 -4.65
CA LYS A 134 -10.79 0.00 -3.23
C LYS A 134 -11.38 1.36 -2.84
N SER A 135 -12.43 1.38 -2.01
CA SER A 135 -12.96 2.64 -1.51
C SER A 135 -11.85 3.41 -0.81
N PRO A 136 -11.72 4.73 -1.12
CA PRO A 136 -10.69 5.49 -0.38
C PRO A 136 -10.88 5.46 1.13
N THR A 137 -12.09 5.18 1.60
CA THR A 137 -12.31 5.17 3.06
C THR A 137 -11.90 3.83 3.71
N SER A 138 -11.38 2.91 2.89
CA SER A 138 -10.74 1.71 3.40
C SER A 138 -9.32 1.99 3.95
N ILE A 139 -8.73 3.12 3.53
CA ILE A 139 -7.34 3.45 3.83
C ILE A 139 -7.16 3.49 5.33
N SER A 140 -6.02 2.98 5.75
CA SER A 140 -5.72 2.73 7.13
C SER A 140 -4.22 2.78 7.36
N GLY A 141 -3.85 2.84 8.62
CA GLY A 141 -2.45 3.05 8.99
C GLY A 141 -1.67 1.77 9.25
N PRO A 142 -0.37 1.90 9.45
CA PRO A 142 0.52 0.73 9.56
C PRO A 142 0.48 -0.06 10.86
N ARG A 143 -0.23 0.46 11.87
CA ARG A 143 -0.38 -0.23 13.14
CA ARG A 143 -0.39 -0.23 13.12
C ARG A 143 -1.84 -0.37 13.52
N ASP A 144 -2.74 -0.06 12.60
CA ASP A 144 -4.14 -0.03 12.88
C ASP A 144 -4.77 -1.41 12.70
N ALA A 145 -5.77 -1.69 13.52
CA ALA A 145 -6.45 -2.95 13.44
C ALA A 145 -7.17 -3.11 12.10
N VAL A 146 -7.14 -4.33 11.61
CA VAL A 146 -8.09 -4.78 10.57
C VAL A 146 -9.31 -5.34 11.25
N ILE A 147 -10.48 -4.88 10.82
CA ILE A 147 -11.71 -5.18 11.52
C ILE A 147 -12.52 -6.00 10.56
N ALA A 148 -12.73 -7.26 10.90
CA ALA A 148 -13.51 -8.16 10.07
C ALA A 148 -14.99 -7.91 10.31
N PRO A 149 -15.73 -7.52 9.26
CA PRO A 149 -17.10 -7.15 9.46
C PRO A 149 -17.93 -8.34 9.89
N ARG A 150 -19.06 -8.04 10.57
CA ARG A 150 -20.10 -8.99 10.92
C ARG A 150 -20.49 -9.89 9.75
N THR A 151 -20.51 -9.35 8.55
CA THR A 151 -20.95 -10.09 7.36
C THR A 151 -19.89 -11.02 6.67
N SER A 152 -18.73 -11.25 7.29
CA SER A 152 -17.69 -12.05 6.65
C SER A 152 -17.07 -13.04 7.60
N HIS A 153 -16.94 -14.26 7.09
CA HIS A 153 -16.27 -15.36 7.76
C HIS A 153 -15.09 -15.86 6.90
N ALA A 154 -14.61 -15.02 5.98
CA ALA A 154 -13.53 -15.41 5.09
C ALA A 154 -12.70 -14.20 4.72
N LEU A 155 -12.08 -13.58 5.73
CA LEU A 155 -11.27 -12.39 5.54
C LEU A 155 -9.83 -12.75 5.19
N ASP A 156 -9.40 -12.30 4.01
CA ASP A 156 -8.07 -12.61 3.54
C ASP A 156 -7.12 -11.39 3.55
N TYR A 157 -5.83 -11.70 3.60
CA TYR A 157 -4.70 -10.77 3.53
C TYR A 157 -3.99 -10.88 2.18
N GLU A 158 -3.43 -9.76 1.73
CA GLU A 158 -2.70 -9.70 0.48
C GLU A 158 -1.66 -8.59 0.58
N ILE A 159 -0.43 -8.94 0.91
CA ILE A 159 0.67 -7.96 0.95
C ILE A 159 1.02 -7.49 -0.46
N GLU A 160 1.10 -6.18 -0.62
CA GLU A 160 1.41 -5.61 -1.93
C GLU A 160 2.30 -4.39 -1.78
N ILE A 161 3.05 -4.09 -2.83
CA ILE A 161 3.74 -2.85 -2.92
C ILE A 161 2.83 -1.85 -3.71
N ALA A 162 2.61 -0.69 -3.12
CA ALA A 162 1.86 0.40 -3.75
C ALA A 162 2.78 1.45 -4.30
N VAL A 163 2.41 2.01 -5.44
CA VAL A 163 3.00 3.27 -5.89
C VAL A 163 1.98 4.36 -5.70
N VAL A 164 2.52 5.52 -5.41
CA VAL A 164 1.78 6.71 -5.26
C VAL A 164 2.11 7.67 -6.41
N ILE A 165 1.07 8.22 -7.03
CA ILE A 165 1.23 9.04 -8.22
C ILE A 165 1.59 10.45 -7.78
N GLY A 166 2.54 11.05 -8.49
CA GLY A 166 3.06 12.37 -8.14
C GLY A 166 2.76 13.46 -9.15
N LYS A 167 2.51 13.08 -10.41
CA LYS A 167 2.13 14.00 -11.44
C LYS A 167 1.00 13.36 -12.20
N PRO A 168 -0.02 14.15 -12.54
CA PRO A 168 -1.18 13.61 -13.25
C PRO A 168 -0.82 13.09 -14.63
N GLY A 169 -1.60 12.13 -15.11
CA GLY A 169 -1.36 11.57 -16.41
C GLY A 169 -2.44 10.60 -16.86
N TYR A 170 -2.49 10.41 -18.17
CA TYR A 170 -3.46 9.56 -18.85
C TYR A 170 -2.78 9.03 -20.10
N ARG A 171 -2.86 7.72 -20.35
CA ARG A 171 -2.08 7.07 -21.44
C ARG A 171 -0.58 7.42 -21.29
N ILE A 172 -0.09 7.21 -20.08
CA ILE A 172 1.30 7.39 -19.72
C ILE A 172 2.11 6.32 -20.43
N GLU A 173 3.18 6.75 -21.11
CA GLU A 173 4.02 5.83 -21.83
CA GLU A 173 4.05 5.83 -21.82
C GLU A 173 4.95 5.15 -20.80
N ARG A 174 5.23 3.88 -21.02
CA ARG A 174 6.10 3.09 -20.15
C ARG A 174 7.38 3.83 -19.70
N SER A 175 8.12 4.42 -20.62
CA SER A 175 9.42 5.01 -20.28
C SER A 175 9.29 6.30 -19.46
N GLN A 176 8.10 6.88 -19.46
CA GLN A 176 7.76 8.06 -18.68
C GLN A 176 7.02 7.74 -17.38
N ALA A 177 6.63 6.50 -17.14
CA ALA A 177 5.94 6.11 -15.91
C ALA A 177 6.64 6.63 -14.62
N ILE A 178 7.96 6.51 -14.57
CA ILE A 178 8.76 6.89 -13.39
C ILE A 178 8.58 8.38 -13.03
N LYS A 179 8.43 9.23 -14.05
CA LYS A 179 8.20 10.67 -13.88
C LYS A 179 6.87 11.01 -13.20
N HIS A 180 5.93 10.06 -13.18
CA HIS A 180 4.62 10.22 -12.53
C HIS A 180 4.49 9.56 -11.16
N VAL A 181 5.54 8.90 -10.68
CA VAL A 181 5.47 8.24 -9.39
C VAL A 181 6.26 9.06 -8.35
N ALA A 182 5.55 9.50 -7.31
CA ALA A 182 6.17 10.21 -6.22
C ALA A 182 6.94 9.24 -5.34
N GLY A 183 6.45 8.00 -5.19
CA GLY A 183 7.19 7.02 -4.39
C GLY A 183 6.40 5.75 -4.14
N TYR A 184 6.77 5.06 -3.06
CA TYR A 184 6.29 3.70 -2.83
C TYR A 184 5.88 3.52 -1.37
N MET A 185 4.91 2.64 -1.12
CA MET A 185 4.46 2.33 0.25
C MET A 185 4.14 0.84 0.33
N LEU A 186 4.33 0.27 1.52
CA LEU A 186 3.84 -1.07 1.79
C LEU A 186 2.32 -0.97 1.91
N ALA A 187 1.60 -1.99 1.49
CA ALA A 187 0.16 -1.97 1.57
C ALA A 187 -0.40 -3.37 1.77
N ASN A 188 -1.69 -3.45 2.12
CA ASN A 188 -2.44 -4.76 2.08
C ASN A 188 -3.79 -4.63 1.37
N ASP A 189 -4.08 -5.47 0.38
CA ASP A 189 -5.41 -5.47 -0.21
C ASP A 189 -6.27 -6.50 0.55
N ILE A 190 -6.74 -6.12 1.73
CA ILE A 190 -7.62 -6.96 2.55
C ILE A 190 -8.93 -7.14 1.80
N THR A 191 -9.40 -8.38 1.79
CA THR A 191 -10.54 -8.80 0.97
C THR A 191 -11.38 -9.83 1.74
N ALA A 192 -12.69 -9.60 1.77
CA ALA A 192 -13.64 -10.48 2.39
C ALA A 192 -14.16 -11.34 1.25
N ARG A 193 -13.63 -12.56 1.12
CA ARG A 193 -13.78 -13.32 -0.12
C ARG A 193 -15.20 -13.84 -0.29
N ASP A 194 -15.88 -14.09 0.84
CA ASP A 194 -17.26 -14.56 0.84
C ASP A 194 -18.23 -13.44 0.46
N VAL A 195 -17.92 -12.21 0.86
CA VAL A 195 -18.68 -11.05 0.41
C VAL A 195 -18.44 -10.76 -1.09
N ALA A 196 -17.19 -10.91 -1.51
CA ALA A 196 -16.78 -10.67 -2.87
C ALA A 196 -17.38 -11.65 -3.86
N LEU A 197 -17.51 -12.91 -3.45
CA LEU A 197 -18.17 -13.97 -4.26
C LEU A 197 -19.28 -14.64 -3.48
N PRO A 198 -20.43 -13.96 -3.36
CA PRO A 198 -21.48 -14.50 -2.53
C PRO A 198 -22.10 -15.78 -3.11
N PHE A 199 -21.83 -16.08 -4.39
CA PHE A 199 -22.05 -17.42 -4.96
C PHE A 199 -20.94 -17.75 -5.97
N GLY A 200 -19.90 -18.46 -5.53
CA GLY A 200 -18.76 -18.77 -6.40
C GLY A 200 -19.10 -19.89 -7.39
N GLN A 207 -22.42 -10.17 -11.12
CA GLN A 207 -22.91 -10.59 -9.79
C GLN A 207 -21.80 -10.96 -8.79
N ALA A 208 -20.55 -10.65 -9.09
CA ALA A 208 -19.50 -10.70 -8.09
C ALA A 208 -19.65 -9.36 -7.34
N GLN A 209 -19.26 -9.32 -6.08
CA GLN A 209 -19.34 -8.04 -5.34
C GLN A 209 -17.97 -7.60 -4.91
N VAL A 210 -17.09 -7.41 -5.90
CA VAL A 210 -15.69 -7.21 -5.59
C VAL A 210 -15.45 -5.89 -4.88
N VAL A 211 -16.12 -4.82 -5.30
CA VAL A 211 -16.03 -3.56 -4.60
C VAL A 211 -16.40 -3.68 -3.12
N ARG A 212 -17.54 -4.29 -2.84
CA ARG A 212 -17.98 -4.59 -1.48
C ARG A 212 -16.91 -5.35 -0.66
N GLY A 213 -16.37 -6.39 -1.27
CA GLY A 213 -15.39 -7.25 -0.62
C GLY A 213 -14.05 -6.60 -0.29
N LYS A 214 -13.70 -5.59 -1.04
CA LYS A 214 -12.43 -4.95 -0.85
C LYS A 214 -12.54 -3.58 -0.19
N GLY A 215 -13.76 -3.15 0.09
CA GLY A 215 -14.01 -1.73 0.37
C GLY A 215 -14.33 -1.27 1.79
N TYR A 216 -14.42 -2.20 2.73
CA TYR A 216 -14.80 -1.84 4.11
C TYR A 216 -13.71 -0.96 4.77
N PRO A 217 -14.07 -0.16 5.80
CA PRO A 217 -13.02 0.48 6.58
C PRO A 217 -12.00 -0.52 7.11
N THR A 218 -10.74 -0.10 7.13
CA THR A 218 -9.58 -0.89 7.58
C THR A 218 -9.05 -1.86 6.54
N PHE A 219 -9.74 -2.00 5.39
CA PHE A 219 -9.32 -2.97 4.36
C PHE A 219 -8.14 -2.52 3.46
N CYS A 220 -7.62 -1.32 3.64
CA CYS A 220 -6.40 -0.90 2.91
C CYS A 220 -5.33 -0.29 3.81
N PRO A 221 -4.79 -1.10 4.72
CA PRO A 221 -3.62 -0.67 5.47
C PRO A 221 -2.48 -0.19 4.54
N THR A 222 -1.81 0.88 4.95
CA THR A 222 -0.69 1.48 4.18
C THR A 222 0.37 2.04 5.12
N GLY A 223 1.60 2.18 4.61
CA GLY A 223 2.72 2.70 5.41
C GLY A 223 3.64 1.60 5.92
N PRO A 224 4.57 1.96 6.81
CA PRO A 224 4.58 3.21 7.59
C PRO A 224 5.07 4.48 6.90
N TRP A 225 5.65 4.39 5.70
CA TRP A 225 6.11 5.60 5.06
C TRP A 225 6.05 5.58 3.56
N LEU A 226 5.99 6.77 2.98
CA LEU A 226 6.22 6.93 1.55
C LEU A 226 7.70 6.98 1.29
N PHE A 227 8.21 5.98 0.59
CA PHE A 227 9.64 5.93 0.25
C PHE A 227 9.73 6.62 -1.10
N THR A 228 10.29 7.82 -1.12
CA THR A 228 10.25 8.62 -2.35
C THR A 228 11.23 8.14 -3.43
N THR A 229 10.91 8.54 -4.65
CA THR A 229 11.74 8.18 -5.82
C THR A 229 13.01 8.97 -5.87
N GLY A 230 13.02 10.16 -5.27
CA GLY A 230 14.19 11.00 -5.28
C GLY A 230 14.73 11.19 -6.68
N SER A 231 16.01 10.83 -6.84
CA SER A 231 16.78 10.98 -8.08
C SER A 231 16.77 9.74 -9.00
N ASP A 232 15.96 8.73 -8.68
CA ASP A 232 15.96 7.47 -9.44
C ASP A 232 15.53 7.70 -10.90
N THR A 233 16.19 7.07 -11.85
CA THR A 233 15.74 7.15 -13.26
C THR A 233 14.94 5.93 -13.70
N THR A 234 14.89 4.92 -12.83
CA THR A 234 14.09 3.74 -13.06
C THR A 234 13.38 3.36 -11.76
N PHE A 235 12.53 2.37 -11.84
CA PHE A 235 11.87 1.86 -10.63
C PHE A 235 12.82 0.97 -9.84
N GLU A 236 12.59 0.91 -8.54
CA GLU A 236 13.40 0.11 -7.66
C GLU A 236 12.77 -1.27 -7.51
N THR A 237 13.54 -2.15 -6.91
CA THR A 237 13.15 -3.51 -6.61
C THR A 237 12.94 -3.64 -5.11
N PHE A 238 11.92 -4.41 -4.72
CA PHE A 238 11.63 -4.67 -3.31
C PHE A 238 11.44 -6.14 -3.02
N ASP A 239 11.86 -6.56 -1.84
CA ASP A 239 11.57 -7.91 -1.35
C ASP A 239 10.73 -7.75 -0.12
N PHE A 240 9.66 -8.52 -0.01
CA PHE A 240 8.72 -8.25 1.08
C PHE A 240 8.13 -9.55 1.62
N GLU A 241 7.72 -9.52 2.88
CA GLU A 241 7.10 -10.69 3.49
C GLU A 241 5.97 -10.33 4.41
N LEU A 242 5.02 -11.25 4.53
CA LEU A 242 3.95 -11.16 5.48
C LEU A 242 3.89 -12.41 6.35
N ARG A 243 3.81 -12.18 7.66
CA ARG A 243 3.69 -13.20 8.68
C ARG A 243 2.42 -12.94 9.47
N ILE A 244 1.90 -13.98 10.08
CA ILE A 244 0.78 -13.89 11.01
C ILE A 244 1.19 -14.63 12.27
N ASN A 245 1.20 -13.90 13.39
CA ASN A 245 1.74 -14.36 14.64
C ASN A 245 3.15 -14.96 14.49
N GLY A 246 3.99 -14.33 13.67
CA GLY A 246 5.37 -14.75 13.53
C GLY A 246 5.57 -15.79 12.44
N GLU A 247 4.51 -16.46 12.03
CA GLU A 247 4.61 -17.47 10.96
C GLU A 247 4.58 -16.87 9.55
N LEU A 248 5.52 -17.31 8.72
CA LEU A 248 5.55 -16.84 7.33
C LEU A 248 4.31 -17.30 6.54
N ARG A 249 3.59 -16.35 5.93
CA ARG A 249 2.51 -16.66 5.00
C ARG A 249 2.91 -16.33 3.55
N GLN A 250 3.43 -15.12 3.33
CA GLN A 250 3.72 -14.69 1.98
C GLN A 250 5.12 -14.16 1.89
N SER A 251 5.76 -14.40 0.74
CA SER A 251 7.12 -13.89 0.49
C SER A 251 7.21 -13.56 -0.99
N GLY A 252 7.50 -12.29 -1.31
CA GLY A 252 7.61 -11.88 -2.68
C GLY A 252 8.78 -10.96 -2.96
N SER A 253 9.09 -10.90 -4.25
CA SER A 253 10.02 -9.95 -4.84
C SER A 253 9.32 -9.31 -6.06
N THR A 254 9.48 -8.00 -6.25
CA THR A 254 8.84 -7.34 -7.38
C THR A 254 9.35 -7.84 -8.76
N VAL A 255 10.43 -8.62 -8.79
CA VAL A 255 10.91 -9.19 -10.05
C VAL A 255 9.96 -10.23 -10.60
N ASP A 256 9.05 -10.72 -9.77
CA ASP A 256 8.09 -11.74 -10.20
C ASP A 256 6.79 -11.15 -10.70
N MET A 257 6.72 -9.82 -10.72
CA MET A 257 5.53 -9.17 -11.26
C MET A 257 5.41 -9.49 -12.76
N THR A 258 4.23 -9.94 -13.14
CA THR A 258 3.92 -10.16 -14.55
C THR A 258 4.03 -8.80 -15.26
N LEU A 259 3.40 -7.79 -14.69
CA LEU A 259 3.60 -6.43 -15.13
C LEU A 259 4.46 -5.69 -14.11
N GLY A 260 5.65 -5.27 -14.53
CA GLY A 260 6.51 -4.42 -13.67
C GLY A 260 5.90 -3.06 -13.39
N PHE A 261 6.49 -2.35 -12.42
CA PHE A 261 5.99 -0.99 -12.03
C PHE A 261 5.65 -0.05 -13.19
N ALA A 262 6.56 0.04 -14.16
CA ALA A 262 6.34 0.93 -15.29
C ALA A 262 5.15 0.48 -16.12
N GLU A 263 5.06 -0.81 -16.37
CA GLU A 263 3.96 -1.38 -17.15
C GLU A 263 2.62 -1.32 -16.43
N VAL A 264 2.65 -1.43 -15.10
CA VAL A 264 1.47 -1.18 -14.24
C VAL A 264 0.92 0.24 -14.48
N VAL A 265 1.80 1.24 -14.40
CA VAL A 265 1.38 2.62 -14.60
C VAL A 265 0.83 2.85 -16.02
N GLU A 266 1.53 2.31 -17.00
CA GLU A 266 1.09 2.29 -18.39
C GLU A 266 -0.28 1.64 -18.57
N THR A 267 -0.45 0.41 -18.08
CA THR A 267 -1.71 -0.32 -18.29
C THR A 267 -2.86 0.31 -17.53
N VAL A 268 -2.64 0.70 -16.27
CA VAL A 268 -3.72 1.34 -15.51
C VAL A 268 -4.12 2.68 -16.14
N SER A 269 -3.12 3.50 -16.47
CA SER A 269 -3.40 4.82 -17.02
C SER A 269 -3.86 4.76 -18.48
N ALA A 270 -3.75 3.62 -19.13
CA ALA A 270 -4.33 3.45 -20.46
C ALA A 270 -5.87 3.60 -20.46
N THR A 271 -6.53 3.34 -19.34
CA THR A 271 -7.99 3.46 -19.28
C THR A 271 -8.53 4.34 -18.14
N ILE A 272 -7.67 4.66 -17.16
CA ILE A 272 -8.01 5.52 -16.01
C ILE A 272 -7.02 6.72 -15.89
N ALA A 273 -7.57 7.94 -15.92
CA ALA A 273 -6.79 9.12 -15.74
C ALA A 273 -6.38 9.26 -14.26
N LEU A 274 -5.09 9.49 -14.02
CA LEU A 274 -4.55 9.51 -12.67
C LEU A 274 -4.19 10.94 -12.22
N ARG A 275 -4.37 11.21 -10.93
CA ARG A 275 -3.98 12.46 -10.30
C ARG A 275 -2.97 12.20 -9.19
N ALA A 276 -2.20 13.25 -8.90
CA ALA A 276 -1.35 13.25 -7.72
C ALA A 276 -2.16 12.85 -6.49
N GLY A 277 -1.57 11.92 -5.76
CA GLY A 277 -2.13 11.40 -4.54
C GLY A 277 -2.86 10.09 -4.73
N ASP A 278 -3.09 9.69 -5.98
CA ASP A 278 -3.69 8.39 -6.28
C ASP A 278 -2.69 7.29 -5.89
N ILE A 279 -3.24 6.16 -5.48
CA ILE A 279 -2.44 5.00 -5.05
C ILE A 279 -2.78 3.81 -5.94
N ILE A 280 -1.75 3.10 -6.39
CA ILE A 280 -1.92 1.81 -7.08
C ILE A 280 -1.24 0.68 -6.28
N LEU A 281 -2.02 -0.31 -5.82
CA LEU A 281 -1.49 -1.54 -5.26
C LEU A 281 -1.16 -2.48 -6.42
N THR A 282 0.09 -2.96 -6.46
CA THR A 282 0.61 -3.58 -7.67
C THR A 282 0.49 -5.09 -7.70
N GLY A 283 -0.25 -5.70 -6.75
CA GLY A 283 -0.43 -7.14 -6.76
C GLY A 283 0.18 -7.84 -5.56
N THR A 284 -0.32 -9.03 -5.25
CA THR A 284 0.16 -9.88 -4.18
C THR A 284 0.65 -11.24 -4.68
N PRO A 285 1.70 -11.80 -4.04
CA PRO A 285 2.11 -13.15 -4.44
C PRO A 285 1.20 -14.24 -3.83
N GLY A 286 1.58 -15.50 -3.93
CA GLY A 286 0.82 -16.59 -3.28
C GLY A 286 0.88 -16.65 -1.76
N GLY A 287 0.26 -17.67 -1.15
CA GLY A 287 0.23 -17.84 0.30
C GLY A 287 -0.96 -17.20 1.03
N CYS A 288 -1.94 -16.72 0.28
CA CYS A 288 -3.18 -16.15 0.86
C CYS A 288 -4.04 -17.25 1.46
N GLY A 289 -4.95 -16.86 2.36
CA GLY A 289 -5.83 -17.76 3.07
C GLY A 289 -6.65 -18.73 2.22
N PHE A 290 -7.14 -18.27 1.08
CA PHE A 290 -8.04 -19.04 0.25
C PHE A 290 -7.31 -20.20 -0.45
N GLN A 291 -5.97 -20.20 -0.41
CA GLN A 291 -5.18 -21.13 -1.20
C GLN A 291 -4.85 -22.40 -0.44
N PHE A 292 -5.54 -22.63 0.69
CA PHE A 292 -5.31 -23.83 1.51
C PHE A 292 -6.59 -24.50 1.93
N ASP A 293 -6.47 -25.80 2.19
CA ASP A 293 -7.47 -26.59 2.85
C ASP A 293 -6.91 -27.20 4.17
N PRO A 294 -7.50 -26.82 5.33
CA PRO A 294 -8.52 -25.78 5.45
C PRO A 294 -7.91 -24.42 5.14
N PRO A 295 -8.75 -23.41 4.85
CA PRO A 295 -8.31 -22.05 4.60
C PRO A 295 -7.60 -21.43 5.79
N ARG A 296 -6.79 -20.40 5.54
CA ARG A 296 -5.99 -19.78 6.59
C ARG A 296 -6.35 -18.29 6.68
N TYR A 297 -7.66 -18.02 6.64
CA TYR A 297 -8.22 -16.68 6.74
C TYR A 297 -7.92 -16.06 8.11
N LEU A 298 -7.98 -14.73 8.17
CA LEU A 298 -7.69 -13.98 9.38
C LEU A 298 -8.69 -14.38 10.47
N ARG A 299 -8.17 -14.62 11.67
CA ARG A 299 -8.93 -15.05 12.84
C ARG A 299 -8.87 -13.93 13.87
N PRO A 300 -9.92 -13.77 14.68
CA PRO A 300 -9.82 -12.84 15.82
C PRO A 300 -8.58 -13.07 16.70
N GLY A 301 -7.83 -12.01 16.94
CA GLY A 301 -6.60 -12.10 17.70
C GLY A 301 -5.33 -12.41 16.90
N ASP A 302 -5.44 -12.79 15.63
CA ASP A 302 -4.25 -12.81 14.77
C ASP A 302 -3.59 -11.42 14.74
N VAL A 303 -2.28 -11.41 14.54
CA VAL A 303 -1.52 -10.19 14.29
C VAL A 303 -0.77 -10.37 12.97
N ILE A 304 -1.06 -9.47 12.00
CA ILE A 304 -0.36 -9.44 10.74
C ILE A 304 0.90 -8.59 10.88
N GLU A 305 2.02 -9.19 10.48
CA GLU A 305 3.32 -8.53 10.47
C GLU A 305 3.84 -8.56 9.03
N ALA A 306 4.00 -7.39 8.43
CA ALA A 306 4.45 -7.22 7.08
C ALA A 306 5.70 -6.39 7.12
N HIS A 307 6.66 -6.74 6.25
CA HIS A 307 8.00 -6.16 6.31
C HIS A 307 8.59 -6.05 4.94
N SER A 308 9.24 -4.92 4.69
CA SER A 308 10.09 -4.75 3.54
C SER A 308 11.30 -3.90 4.02
N ALA A 309 12.49 -4.21 3.54
CA ALA A 309 13.67 -3.54 4.06
C ALA A 309 13.59 -2.01 3.86
N LYS A 310 13.06 -1.57 2.73
CA LYS A 310 13.08 -0.14 2.42
C LYS A 310 11.78 0.55 2.78
N LEU A 311 10.74 -0.22 3.02
CA LEU A 311 9.42 0.33 3.20
C LEU A 311 8.89 0.18 4.64
N GLY A 312 9.67 -0.46 5.52
CA GLY A 312 9.31 -0.49 6.93
C GLY A 312 8.41 -1.67 7.27
N LYS A 313 7.70 -1.58 8.38
CA LYS A 313 6.96 -2.74 8.90
C LYS A 313 5.57 -2.33 9.35
N MET A 314 4.65 -3.27 9.23
CA MET A 314 3.33 -3.10 9.72
C MET A 314 3.10 -4.11 10.81
N ARG A 315 2.25 -3.76 11.75
CA ARG A 315 1.71 -4.69 12.76
C ARG A 315 0.23 -4.41 12.95
N LEU A 316 -0.59 -5.29 12.41
CA LEU A 316 -2.01 -5.08 12.34
C LEU A 316 -2.76 -6.15 13.13
N PRO A 317 -3.31 -5.75 14.30
CA PRO A 317 -4.12 -6.71 15.05
C PRO A 317 -5.49 -6.91 14.39
N VAL A 318 -6.00 -8.14 14.40
CA VAL A 318 -7.29 -8.47 13.79
C VAL A 318 -8.37 -8.65 14.87
N HIS A 319 -9.49 -7.96 14.68
CA HIS A 319 -10.64 -8.06 15.57
C HIS A 319 -11.90 -8.23 14.73
N ASP A 320 -12.77 -9.16 15.14
CA ASP A 320 -14.09 -9.34 14.53
C ASP A 320 -15.11 -8.42 15.17
N GLU A 321 -15.99 -7.86 14.33
CA GLU A 321 -17.17 -7.18 14.82
C GLU A 321 -18.06 -8.24 15.42
N LYS A 322 -18.67 -7.98 16.57
CA LYS A 322 -19.62 -8.95 17.13
C LYS A 322 -20.98 -8.93 16.39
N PRO A 323 -21.71 -10.06 16.41
CA PRO A 323 -23.07 -10.07 15.89
C PRO A 323 -24.05 -9.23 16.71
MG MG B . -4.85 -7.35 -4.80
CL CL C . -4.05 12.96 1.30
CL CL D . 12.94 -3.80 0.07
CL CL E . 11.85 0.32 -14.47
#